data_4YI7
#
_entry.id   4YI7
#
_cell.length_a   60.997
_cell.length_b   70.830
_cell.length_c   169.156
_cell.angle_alpha   90.00
_cell.angle_beta   90.00
_cell.angle_gamma   90.00
#
_symmetry.space_group_name_H-M   'C 2 2 21'
#
loop_
_entity.id
_entity.type
_entity.pdbx_description
1 polymer 'Anthranilate phosphoribosyltransferase'
2 non-polymer '2-AMINOBENZOIC ACID'
3 water water
#
_entity_poly.entity_id   1
_entity_poly.type   'polypeptide(L)'
_entity_poly.pdbx_seq_one_letter_code
;MRGSHHHHHHTDPALRANIQQALNHITKNIHLTQAQMEDVMRSIMQGEATEAQIGALMMGLRMKGESIDEITAAARVMRE
LAIKIDVSDIQYLVDIVGTGGDGQNLFNVSTASSFVIAAAGATIAKHGNRGVSSKSGSSDLLEQAGINLDLDMQQTERCI
REMGVGFLFAPNHHKAMKYAVGPRRELGIRSIFNLLGPLTNPAGVKRFVIGVFSDELCRPIAEVMKQLGAEHVMVVHSKD
GLDEISLASQTYIAELKNGEVTEWVLNPEDVNIPSQTLSGLIVEDSNASLKLIKDALGRKKSDIGEKAANMIALNAGAGI
YVSGLATSYKQGVALAHDIIYGGQALEKMSILSEFTKALKEYANN
;
_entity_poly.pdbx_strand_id   A
#
# COMPACT_ATOMS: atom_id res chain seq x y z
N ARG A 16 -7.20 6.65 -31.66
CA ARG A 16 -5.94 7.44 -31.79
C ARG A 16 -6.20 8.92 -31.54
N ALA A 17 -7.26 9.43 -32.16
CA ALA A 17 -7.62 10.85 -32.06
C ALA A 17 -7.91 11.21 -30.60
N ASN A 18 -8.57 10.29 -29.90
CA ASN A 18 -8.93 10.51 -28.50
C ASN A 18 -7.70 10.70 -27.63
N ILE A 19 -6.69 9.86 -27.87
CA ILE A 19 -5.43 9.95 -27.14
C ILE A 19 -4.66 11.22 -27.52
N GLN A 20 -4.64 11.55 -28.81
CA GLN A 20 -3.94 12.76 -29.26
C GLN A 20 -4.60 14.00 -28.68
N GLN A 21 -5.93 14.00 -28.69
CA GLN A 21 -6.72 15.07 -28.07
C GLN A 21 -6.44 15.17 -26.57
N ALA A 22 -6.37 14.03 -25.89
CA ALA A 22 -6.05 14.03 -24.46
C ALA A 22 -4.68 14.64 -24.24
N LEU A 23 -3.72 14.23 -25.04
CA LEU A 23 -2.36 14.74 -24.89
C LEU A 23 -2.31 16.24 -25.13
N ASN A 24 -3.10 16.73 -26.08
CA ASN A 24 -3.16 18.15 -26.38
C ASN A 24 -3.66 18.97 -25.19
N HIS A 25 -4.75 18.50 -24.60
CA HIS A 25 -5.33 19.16 -23.43
C HIS A 25 -4.33 19.19 -22.29
N ILE A 26 -3.68 18.05 -22.06
CA ILE A 26 -2.71 17.95 -20.99
C ILE A 26 -1.58 18.96 -21.15
N THR A 27 -1.11 19.21 -22.39
CA THR A 27 -0.05 20.22 -22.57
C THR A 27 -0.56 21.62 -22.24
N LYS A 28 -1.87 21.82 -22.35
CA LYS A 28 -2.46 23.11 -21.97
C LYS A 28 -2.91 23.10 -20.52
N ASN A 29 -2.46 22.10 -19.76
CA ASN A 29 -2.82 21.92 -18.36
C ASN A 29 -4.33 21.80 -18.16
N ILE A 30 -5.01 21.25 -19.16
CA ILE A 30 -6.43 20.97 -19.06
C ILE A 30 -6.65 19.51 -18.62
N HIS A 31 -7.28 19.34 -17.47
CA HIS A 31 -7.55 17.99 -16.95
C HIS A 31 -8.48 17.26 -17.88
N LEU A 32 -8.30 15.95 -18.00
CA LEU A 32 -9.22 15.13 -18.76
C LEU A 32 -10.52 14.96 -17.97
N THR A 33 -11.64 14.77 -18.66
CA THR A 33 -12.87 14.40 -17.99
C THR A 33 -12.87 12.91 -17.68
N GLN A 34 -13.75 12.51 -16.77
CA GLN A 34 -13.86 11.12 -16.38
C GLN A 34 -14.11 10.27 -17.63
N ALA A 35 -14.99 10.79 -18.49
CA ALA A 35 -15.31 10.12 -19.74
C ALA A 35 -14.07 9.97 -20.62
N GLN A 36 -13.31 11.05 -20.76
CA GLN A 36 -12.09 11.03 -21.57
C GLN A 36 -11.03 10.09 -20.99
N MET A 37 -10.79 10.18 -19.69
CA MET A 37 -9.80 9.31 -19.06
C MET A 37 -10.21 7.83 -19.18
N GLU A 38 -11.50 7.56 -19.02
CA GLU A 38 -12.00 6.19 -19.15
C GLU A 38 -11.66 5.62 -20.53
N ASP A 39 -11.90 6.41 -21.57
CA ASP A 39 -11.62 5.96 -22.93
C ASP A 39 -10.13 5.71 -23.10
N VAL A 40 -9.32 6.66 -22.65
CA VAL A 40 -7.86 6.52 -22.69
C VAL A 40 -7.36 5.27 -21.97
N MET A 41 -7.78 5.08 -20.72
CA MET A 41 -7.29 3.95 -19.95
C MET A 41 -7.78 2.64 -20.57
N ARG A 42 -9.00 2.64 -21.11
CA ARG A 42 -9.50 1.47 -21.83
C ARG A 42 -8.57 1.13 -22.99
N SER A 43 -8.23 2.13 -23.80
CA SER A 43 -7.35 1.92 -24.95
C SER A 43 -6.01 1.31 -24.55
N ILE A 44 -5.43 1.85 -23.48
CA ILE A 44 -4.16 1.34 -22.99
C ILE A 44 -4.31 -0.10 -22.57
N MET A 45 -5.36 -0.36 -21.80
CA MET A 45 -5.64 -1.70 -21.29
C MET A 45 -5.92 -2.66 -22.45
N GLN A 46 -6.62 -2.16 -23.47
CA GLN A 46 -6.97 -2.96 -24.65
C GLN A 46 -5.80 -3.03 -25.66
N GLY A 47 -4.71 -2.33 -25.38
CA GLY A 47 -3.54 -2.41 -26.23
C GLY A 47 -3.61 -1.48 -27.42
N GLU A 48 -4.54 -0.53 -27.37
CA GLU A 48 -4.80 0.37 -28.50
C GLU A 48 -3.94 1.63 -28.48
N ALA A 49 -3.14 1.80 -27.42
CA ALA A 49 -2.24 2.95 -27.30
C ALA A 49 -0.81 2.53 -27.59
N THR A 50 -0.07 3.40 -28.26
CA THR A 50 1.32 3.12 -28.58
C THR A 50 2.22 3.39 -27.38
N GLU A 51 3.41 2.80 -27.38
CA GLU A 51 4.33 2.96 -26.29
C GLU A 51 4.73 4.42 -26.11
N ALA A 52 4.98 5.11 -27.21
CA ALA A 52 5.27 6.54 -27.18
C ALA A 52 4.12 7.30 -26.54
N GLN A 53 2.88 6.93 -26.88
CA GLN A 53 1.70 7.59 -26.36
C GLN A 53 1.52 7.34 -24.87
N ILE A 54 1.87 6.13 -24.44
CA ILE A 54 1.78 5.80 -23.03
C ILE A 54 2.82 6.57 -22.24
N GLY A 55 4.04 6.65 -22.77
CA GLY A 55 5.09 7.41 -22.13
C GLY A 55 4.70 8.86 -21.99
N ALA A 56 4.12 9.42 -23.07
CA ALA A 56 3.67 10.81 -23.06
C ALA A 56 2.54 11.07 -22.06
N LEU A 57 1.58 10.15 -21.99
CA LEU A 57 0.48 10.30 -21.05
C LEU A 57 0.98 10.28 -19.62
N MET A 58 1.85 9.33 -19.29
CA MET A 58 2.43 9.23 -17.94
C MET A 58 3.18 10.51 -17.54
N MET A 59 4.08 10.96 -18.43
CA MET A 59 4.86 12.15 -18.17
C MET A 59 3.98 13.39 -18.03
N GLY A 60 3.08 13.56 -18.99
CA GLY A 60 2.22 14.74 -19.04
C GLY A 60 1.28 14.85 -17.84
N LEU A 61 0.62 13.73 -17.50
CA LEU A 61 -0.27 13.70 -16.34
C LEU A 61 0.50 13.97 -15.06
N ARG A 62 1.73 13.48 -14.96
CA ARG A 62 2.52 13.70 -13.75
C ARG A 62 2.88 15.17 -13.61
N MET A 63 3.23 15.81 -14.72
CA MET A 63 3.66 17.20 -14.63
C MET A 63 2.49 18.17 -14.47
N LYS A 64 1.35 17.86 -15.07
CA LYS A 64 0.15 18.65 -14.84
C LYS A 64 -0.36 18.47 -13.41
N GLY A 65 -0.19 17.27 -12.88
CA GLY A 65 -0.84 16.86 -11.65
C GLY A 65 -2.08 16.10 -12.02
N GLU A 66 -2.12 14.82 -11.63
CA GLU A 66 -3.31 14.00 -11.86
C GLU A 66 -4.46 14.55 -11.01
N SER A 67 -5.61 14.76 -11.63
CA SER A 67 -6.77 15.28 -10.91
C SER A 67 -7.55 14.15 -10.25
N ILE A 68 -8.47 14.51 -9.36
CA ILE A 68 -9.27 13.51 -8.66
C ILE A 68 -10.08 12.69 -9.67
N ASP A 69 -10.70 13.37 -10.64
CA ASP A 69 -11.51 12.67 -11.65
C ASP A 69 -10.67 11.76 -12.55
N GLU A 70 -9.48 12.23 -12.92
CA GLU A 70 -8.59 11.43 -13.75
C GLU A 70 -8.24 10.12 -13.05
N ILE A 71 -7.84 10.22 -11.79
CA ILE A 71 -7.40 9.07 -11.04
C ILE A 71 -8.57 8.12 -10.77
N THR A 72 -9.71 8.66 -10.35
CA THR A 72 -10.89 7.83 -10.09
C THR A 72 -11.32 7.07 -11.36
N ALA A 73 -11.48 7.78 -12.47
CA ALA A 73 -11.84 7.13 -13.73
C ALA A 73 -10.85 6.04 -14.14
N ALA A 74 -9.56 6.28 -13.95
CA ALA A 74 -8.56 5.28 -14.30
C ALA A 74 -8.69 4.05 -13.41
N ALA A 75 -9.00 4.29 -12.14
CA ALA A 75 -9.11 3.23 -11.16
C ALA A 75 -10.33 2.32 -11.46
N ARG A 76 -11.45 2.93 -11.81
CA ARG A 76 -12.65 2.17 -12.17
C ARG A 76 -12.38 1.22 -13.35
N VAL A 77 -11.64 1.68 -14.34
CA VAL A 77 -11.35 0.88 -15.52
C VAL A 77 -10.47 -0.30 -15.19
N MET A 78 -9.49 -0.08 -14.32
CA MET A 78 -8.56 -1.14 -13.97
C MET A 78 -9.22 -2.18 -13.07
N ARG A 79 -10.15 -1.72 -12.24
CA ARG A 79 -10.80 -2.60 -11.28
C ARG A 79 -11.71 -3.59 -12.00
N GLU A 80 -12.37 -3.12 -13.05
CA GLU A 80 -13.24 -3.97 -13.85
C GLU A 80 -12.44 -5.11 -14.47
N LEU A 81 -11.22 -4.81 -14.91
CA LEU A 81 -10.40 -5.78 -15.63
C LEU A 81 -9.50 -6.60 -14.70
N ALA A 82 -9.95 -6.82 -13.46
CA ALA A 82 -9.20 -7.59 -12.47
C ALA A 82 -9.98 -8.81 -12.01
N ILE A 83 -9.27 -9.92 -11.80
CA ILE A 83 -9.85 -11.07 -11.13
C ILE A 83 -10.02 -10.70 -9.68
N LYS A 84 -11.23 -10.91 -9.15
CA LYS A 84 -11.58 -10.45 -7.81
C LYS A 84 -11.94 -11.61 -6.89
N ILE A 85 -11.88 -11.35 -5.58
CA ILE A 85 -12.60 -12.14 -4.58
C ILE A 85 -13.34 -11.12 -3.71
N ASP A 86 -14.12 -11.60 -2.77
CA ASP A 86 -14.87 -10.70 -1.90
C ASP A 86 -14.76 -11.20 -0.46
N VAL A 87 -13.91 -10.55 0.32
CA VAL A 87 -13.78 -10.88 1.73
C VAL A 87 -14.30 -9.73 2.57
N SER A 88 -15.14 -8.89 1.97
CA SER A 88 -15.65 -7.69 2.64
C SER A 88 -16.57 -8.00 3.82
N ASP A 89 -16.94 -9.27 3.99
CA ASP A 89 -17.75 -9.69 5.13
C ASP A 89 -16.94 -9.70 6.42
N ILE A 90 -15.61 -9.70 6.31
CA ILE A 90 -14.75 -9.80 7.48
C ILE A 90 -14.67 -8.47 8.25
N GLN A 91 -14.75 -8.55 9.58
CA GLN A 91 -14.59 -7.37 10.40
C GLN A 91 -13.10 -7.05 10.59
N TYR A 92 -12.79 -5.78 10.68
CA TYR A 92 -11.40 -5.32 10.84
C TYR A 92 -10.54 -5.71 9.64
N LEU A 93 -11.13 -5.57 8.46
CA LEU A 93 -10.43 -5.88 7.22
C LEU A 93 -9.69 -4.63 6.74
N VAL A 94 -8.41 -4.80 6.44
CA VAL A 94 -7.56 -3.67 6.05
C VAL A 94 -6.51 -4.08 5.02
N ASP A 95 -6.03 -3.08 4.28
CA ASP A 95 -4.92 -3.25 3.33
C ASP A 95 -3.90 -2.18 3.63
N ILE A 96 -2.62 -2.54 3.56
CA ILE A 96 -1.52 -1.60 3.78
C ILE A 96 -0.67 -1.60 2.53
N VAL A 97 -0.56 -0.44 1.89
CA VAL A 97 -0.10 -0.41 0.51
C VAL A 97 0.43 0.97 0.11
N GLY A 98 1.49 0.98 -0.70
CA GLY A 98 2.14 2.23 -1.07
C GLY A 98 2.35 2.33 -2.56
N THR A 99 2.55 3.56 -3.03
CA THR A 99 2.79 3.83 -4.43
C THR A 99 4.21 3.46 -4.84
N GLY A 100 5.07 3.35 -3.84
CA GLY A 100 6.51 3.50 -4.01
C GLY A 100 6.91 4.95 -3.73
N GLY A 101 8.01 5.14 -3.02
CA GLY A 101 8.47 6.45 -2.62
C GLY A 101 9.80 6.84 -3.22
N ASP A 102 10.63 7.50 -2.41
CA ASP A 102 11.98 7.88 -2.79
C ASP A 102 12.99 6.95 -2.08
N ASN A 105 16.06 2.47 0.10
CA ASN A 105 15.80 1.05 0.10
C ASN A 105 15.52 0.50 1.51
N LEU A 106 14.46 0.99 2.14
CA LEU A 106 14.12 0.51 3.49
C LEU A 106 13.71 -0.96 3.47
N PHE A 107 13.80 -1.61 4.63
CA PHE A 107 13.29 -2.97 4.79
C PHE A 107 11.76 -2.96 4.59
N ASN A 108 11.17 -4.14 4.40
CA ASN A 108 9.76 -4.21 4.02
C ASN A 108 8.83 -3.94 5.20
N VAL A 109 8.67 -2.66 5.53
CA VAL A 109 7.87 -2.28 6.69
C VAL A 109 6.42 -2.76 6.58
N SER A 110 5.79 -2.57 5.41
CA SER A 110 4.37 -2.94 5.25
C SER A 110 4.13 -4.45 5.39
N THR A 111 5.03 -5.27 4.87
CA THR A 111 4.92 -6.72 5.01
C THR A 111 5.08 -7.13 6.49
N ALA A 112 6.06 -6.53 7.16
CA ALA A 112 6.22 -6.74 8.59
C ALA A 112 4.96 -6.31 9.33
N SER A 113 4.46 -5.11 9.02
CA SER A 113 3.25 -4.60 9.64
C SER A 113 2.04 -5.52 9.46
N SER A 114 1.94 -6.14 8.28
CA SER A 114 0.84 -7.07 8.00
C SER A 114 0.69 -8.17 9.06
N PHE A 115 1.80 -8.72 9.51
CA PHE A 115 1.77 -9.78 10.51
C PHE A 115 1.40 -9.27 11.90
N VAL A 116 1.82 -8.04 12.19
CA VAL A 116 1.44 -7.39 13.44
C VAL A 116 -0.06 -7.15 13.46
N ILE A 117 -0.56 -6.60 12.36
CA ILE A 117 -1.99 -6.31 12.21
C ILE A 117 -2.84 -7.57 12.38
N ALA A 118 -2.45 -8.66 11.73
CA ALA A 118 -3.16 -9.94 11.86
C ALA A 118 -3.11 -10.45 13.28
N ALA A 119 -1.92 -10.45 13.87
CA ALA A 119 -1.72 -10.99 15.21
C ALA A 119 -2.53 -10.17 16.23
N ALA A 120 -2.83 -8.92 15.90
CA ALA A 120 -3.59 -8.05 16.80
C ALA A 120 -5.07 -8.38 16.79
N GLY A 121 -5.50 -9.13 15.77
CA GLY A 121 -6.88 -9.55 15.64
C GLY A 121 -7.62 -8.89 14.50
N ALA A 122 -6.91 -8.11 13.69
CA ALA A 122 -7.52 -7.55 12.49
C ALA A 122 -7.19 -8.52 11.35
N THR A 123 -7.70 -8.28 10.15
CA THR A 123 -7.42 -9.14 9.01
C THR A 123 -6.86 -8.31 7.86
N ILE A 124 -5.73 -8.73 7.32
CA ILE A 124 -5.16 -8.01 6.19
C ILE A 124 -5.23 -8.81 4.89
N ALA A 125 -5.78 -8.15 3.87
CA ALA A 125 -5.70 -8.61 2.48
C ALA A 125 -4.78 -7.69 1.72
N LYS A 126 -3.48 -8.00 1.72
CA LYS A 126 -2.48 -7.03 1.30
C LYS A 126 -2.22 -7.14 -0.19
N HIS A 127 -2.50 -6.04 -0.85
CA HIS A 127 -2.23 -5.88 -2.27
C HIS A 127 -0.77 -5.52 -2.46
N GLY A 128 -0.04 -6.38 -3.17
CA GLY A 128 1.39 -6.18 -3.36
C GLY A 128 1.76 -6.16 -4.82
N ASN A 129 3.00 -5.81 -5.08
CA ASN A 129 3.53 -5.78 -6.44
C ASN A 129 4.59 -6.85 -6.60
N ARG A 130 4.34 -7.79 -7.50
CA ARG A 130 5.25 -8.90 -7.74
C ARG A 130 6.41 -8.48 -8.66
N SER A 138 9.52 -7.75 -1.47
CA SER A 138 8.25 -8.06 -0.82
C SER A 138 7.82 -9.48 -1.17
N SER A 139 7.63 -9.73 -2.46
CA SER A 139 7.37 -11.07 -2.96
C SER A 139 8.52 -12.00 -2.61
N ASP A 140 9.74 -11.54 -2.89
CA ASP A 140 10.94 -12.32 -2.61
C ASP A 140 11.11 -12.54 -1.11
N LEU A 141 10.76 -11.53 -0.32
CA LEU A 141 10.90 -11.62 1.13
C LEU A 141 10.01 -12.72 1.71
N LEU A 142 8.74 -12.68 1.36
CA LEU A 142 7.78 -13.68 1.82
C LEU A 142 8.27 -15.08 1.46
N GLU A 143 8.70 -15.26 0.22
CA GLU A 143 9.25 -16.53 -0.23
C GLU A 143 10.44 -16.93 0.64
N GLN A 144 11.31 -15.97 0.94
CA GLN A 144 12.45 -16.23 1.83
C GLN A 144 11.95 -16.64 3.22
N ALA A 145 10.80 -16.09 3.62
CA ALA A 145 10.22 -16.37 4.92
C ALA A 145 9.42 -17.67 4.92
N GLY A 146 9.58 -18.47 3.87
CA GLY A 146 8.92 -19.76 3.80
C GLY A 146 7.43 -19.67 3.57
N ILE A 147 6.98 -18.55 2.99
CA ILE A 147 5.57 -18.38 2.66
C ILE A 147 5.38 -18.62 1.17
N ASN A 148 4.67 -19.69 0.85
CA ASN A 148 4.42 -20.07 -0.54
C ASN A 148 3.39 -19.15 -1.18
N LEU A 149 3.84 -18.39 -2.17
CA LEU A 149 2.98 -17.47 -2.90
C LEU A 149 2.46 -18.07 -4.21
N ASP A 150 2.92 -19.28 -4.55
CA ASP A 150 2.39 -20.01 -5.70
C ASP A 150 0.99 -20.52 -5.36
N LEU A 151 0.09 -19.58 -5.09
CA LEU A 151 -1.25 -19.85 -4.59
C LEU A 151 -2.28 -19.23 -5.53
N ASP A 152 -3.41 -19.89 -5.75
CA ASP A 152 -4.48 -19.29 -6.54
C ASP A 152 -5.28 -18.36 -5.65
N MET A 153 -6.34 -17.76 -6.21
CA MET A 153 -7.19 -16.83 -5.46
C MET A 153 -7.90 -17.52 -4.32
N GLN A 154 -8.39 -18.73 -4.56
CA GLN A 154 -9.10 -19.50 -3.54
C GLN A 154 -8.20 -19.81 -2.35
N GLN A 155 -6.94 -20.15 -2.64
CA GLN A 155 -5.99 -20.48 -1.58
C GLN A 155 -5.57 -19.23 -0.81
N THR A 156 -5.52 -18.10 -1.51
CA THR A 156 -5.19 -16.82 -0.89
C THR A 156 -6.30 -16.40 0.06
N GLU A 157 -7.54 -16.49 -0.41
CA GLU A 157 -8.69 -16.19 0.44
C GLU A 157 -8.70 -17.05 1.71
N ARG A 158 -8.28 -18.32 1.60
CA ARG A 158 -8.17 -19.17 2.79
C ARG A 158 -7.17 -18.57 3.79
N CYS A 159 -6.01 -18.14 3.29
CA CYS A 159 -5.02 -17.48 4.14
C CYS A 159 -5.67 -16.31 4.87
N ILE A 160 -6.36 -15.46 4.11
CA ILE A 160 -7.00 -14.29 4.67
C ILE A 160 -8.01 -14.67 5.75
N ARG A 161 -8.90 -15.60 5.42
CA ARG A 161 -9.99 -15.96 6.33
C ARG A 161 -9.55 -16.80 7.53
N GLU A 162 -8.58 -17.69 7.34
CA GLU A 162 -8.22 -18.64 8.39
C GLU A 162 -6.98 -18.24 9.19
N MET A 163 -6.11 -17.43 8.58
CA MET A 163 -4.86 -17.02 9.22
C MET A 163 -4.87 -15.53 9.56
N GLY A 164 -5.85 -14.81 9.04
CA GLY A 164 -5.95 -13.37 9.25
C GLY A 164 -5.02 -12.56 8.35
N VAL A 165 -4.34 -13.22 7.42
CA VAL A 165 -3.39 -12.53 6.54
C VAL A 165 -3.18 -13.31 5.23
N GLY A 166 -3.41 -12.62 4.12
CA GLY A 166 -3.10 -13.15 2.80
C GLY A 166 -2.49 -12.06 1.95
N PHE A 167 -1.74 -12.47 0.93
CA PHE A 167 -1.03 -11.52 0.08
C PHE A 167 -1.51 -11.63 -1.36
N LEU A 168 -2.09 -10.53 -1.83
CA LEU A 168 -2.65 -10.44 -3.17
C LEU A 168 -1.67 -9.83 -4.17
N PHE A 169 -1.19 -10.64 -5.10
CA PHE A 169 -0.41 -10.16 -6.23
C PHE A 169 -1.21 -10.36 -7.53
N ALA A 170 -0.88 -9.59 -8.55
CA ALA A 170 -1.58 -9.69 -9.84
C ALA A 170 -1.38 -11.06 -10.46
N MET A 177 -1.52 -3.19 -15.77
CA MET A 177 -1.76 -4.18 -16.83
C MET A 177 -0.45 -4.55 -17.53
N LYS A 178 -0.57 -5.31 -18.61
CA LYS A 178 0.59 -5.77 -19.37
C LYS A 178 1.28 -4.64 -20.13
N TYR A 179 0.47 -3.76 -20.70
CA TYR A 179 0.98 -2.78 -21.67
C TYR A 179 1.72 -1.62 -21.02
N ALA A 180 1.61 -1.50 -19.70
CA ALA A 180 2.26 -0.40 -18.99
C ALA A 180 3.62 -0.79 -18.41
N VAL A 181 3.87 -2.09 -18.26
CA VAL A 181 5.08 -2.54 -17.57
C VAL A 181 6.36 -2.08 -18.25
N GLY A 182 6.40 -2.15 -19.57
CA GLY A 182 7.57 -1.71 -20.32
C GLY A 182 7.79 -0.21 -20.21
N PRO A 183 6.79 0.57 -20.59
CA PRO A 183 6.91 2.04 -20.44
C PRO A 183 7.27 2.45 -19.00
N ARG A 184 6.69 1.81 -17.99
CA ARG A 184 7.02 2.18 -16.62
C ARG A 184 8.49 1.95 -16.28
N ARG A 185 9.05 0.80 -16.67
CA ARG A 185 10.44 0.51 -16.34
C ARG A 185 11.37 1.43 -17.12
N GLU A 186 11.00 1.70 -18.37
CA GLU A 186 11.82 2.54 -19.25
C GLU A 186 11.88 4.01 -18.80
N LEU A 187 10.72 4.56 -18.41
CA LEU A 187 10.68 5.94 -17.96
C LEU A 187 11.33 6.08 -16.59
N GLY A 188 11.02 5.14 -15.70
CA GLY A 188 11.60 5.13 -14.38
C GLY A 188 10.97 6.13 -13.42
N ILE A 189 9.93 6.83 -13.85
CA ILE A 189 9.33 7.87 -13.02
C ILE A 189 8.19 7.29 -12.18
N ARG A 190 7.83 7.98 -11.11
CA ARG A 190 6.56 7.70 -10.45
C ARG A 190 5.47 8.32 -11.33
N SER A 191 4.38 7.59 -11.51
CA SER A 191 3.32 8.00 -12.43
C SER A 191 1.96 7.61 -11.87
N ILE A 192 0.92 7.90 -12.64
CA ILE A 192 -0.44 7.52 -12.29
C ILE A 192 -0.57 6.01 -12.04
N PHE A 193 0.23 5.19 -12.72
CA PHE A 193 0.16 3.74 -12.54
C PHE A 193 0.59 3.31 -11.14
N ASN A 194 1.50 4.07 -10.55
CA ASN A 194 1.86 3.90 -9.13
C ASN A 194 0.68 4.24 -8.24
N LEU A 195 0.02 5.36 -8.54
CA LEU A 195 -1.17 5.77 -7.80
C LEU A 195 -2.26 4.70 -7.87
N LEU A 196 -2.35 3.99 -8.99
CA LEU A 196 -3.47 3.10 -9.22
C LEU A 196 -3.31 1.77 -8.48
N GLY A 197 -2.08 1.43 -8.10
CA GLY A 197 -1.84 0.20 -7.38
C GLY A 197 -2.63 0.13 -6.08
N PRO A 198 -2.40 1.11 -5.19
CA PRO A 198 -3.19 1.14 -3.95
C PRO A 198 -4.71 1.15 -4.19
N LEU A 199 -5.12 1.72 -5.32
CA LEU A 199 -6.52 1.99 -5.60
C LEU A 199 -7.24 0.81 -6.27
N THR A 200 -6.54 -0.31 -6.48
CA THR A 200 -7.14 -1.47 -7.15
C THR A 200 -6.98 -2.76 -6.36
N ASN A 201 -7.24 -2.71 -5.06
CA ASN A 201 -7.29 -3.93 -4.28
C ASN A 201 -8.38 -4.80 -4.90
N PRO A 202 -8.09 -6.09 -5.16
CA PRO A 202 -9.07 -6.98 -5.79
C PRO A 202 -9.89 -7.87 -4.83
N ALA A 203 -9.94 -7.52 -3.54
CA ALA A 203 -10.55 -8.41 -2.54
C ALA A 203 -11.72 -7.75 -1.83
N GLY A 204 -12.05 -6.52 -2.21
CA GLY A 204 -13.23 -5.87 -1.65
C GLY A 204 -12.93 -5.12 -0.36
N VAL A 205 -11.64 -4.89 -0.11
CA VAL A 205 -11.20 -4.15 1.07
C VAL A 205 -11.72 -2.71 1.02
N LYS A 206 -12.10 -2.17 2.17
CA LYS A 206 -12.62 -0.80 2.25
C LYS A 206 -11.85 0.09 3.26
N ARG A 207 -10.88 -0.49 3.96
CA ARG A 207 -10.08 0.27 4.92
C ARG A 207 -8.59 0.14 4.59
N PHE A 208 -7.91 1.27 4.51
CA PHE A 208 -6.55 1.32 3.96
C PHE A 208 -5.58 2.26 4.70
N VAL A 209 -4.32 1.86 4.76
CA VAL A 209 -3.26 2.84 4.94
C VAL A 209 -2.54 2.89 3.59
N ILE A 210 -2.56 4.05 2.94
CA ILE A 210 -1.97 4.20 1.62
C ILE A 210 -0.82 5.18 1.66
N GLY A 211 0.35 4.76 1.21
CA GLY A 211 1.49 5.64 1.08
C GLY A 211 1.60 6.19 -0.33
N VAL A 212 1.91 7.48 -0.43
CA VAL A 212 2.02 8.14 -1.72
C VAL A 212 3.36 8.86 -1.78
N PHE A 213 3.78 9.29 -2.97
CA PHE A 213 5.14 9.78 -3.15
C PHE A 213 5.28 11.31 -3.09
N SER A 214 4.24 12.02 -2.66
CA SER A 214 4.34 13.46 -2.38
C SER A 214 3.21 13.93 -1.46
N ASP A 215 3.47 14.97 -0.68
CA ASP A 215 2.46 15.56 0.21
C ASP A 215 1.18 15.97 -0.53
N GLU A 216 1.32 16.48 -1.75
CA GLU A 216 0.18 17.06 -2.47
C GLU A 216 -0.76 15.99 -3.01
N LEU A 217 -0.32 14.74 -2.97
CA LEU A 217 -1.15 13.63 -3.44
C LEU A 217 -2.00 13.03 -2.31
N CYS A 218 -1.71 13.42 -1.07
CA CYS A 218 -2.41 12.83 0.08
C CYS A 218 -3.91 13.13 0.06
N ARG A 219 -4.27 14.41 0.04
CA ARG A 219 -5.69 14.80 -0.02
C ARG A 219 -6.41 14.25 -1.26
N PRO A 220 -5.80 14.41 -2.47
CA PRO A 220 -6.46 13.86 -3.66
C PRO A 220 -6.76 12.37 -3.60
N ILE A 221 -5.82 11.57 -3.11
CA ILE A 221 -6.00 10.14 -3.13
C ILE A 221 -7.09 9.74 -2.12
N ALA A 222 -7.16 10.48 -1.03
CA ALA A 222 -8.19 10.25 -0.02
C ALA A 222 -9.58 10.50 -0.64
N GLU A 223 -9.68 11.57 -1.41
CA GLU A 223 -10.92 11.90 -2.13
C GLU A 223 -11.28 10.85 -3.18
N VAL A 224 -10.27 10.33 -3.87
CA VAL A 224 -10.50 9.23 -4.80
C VAL A 224 -11.05 8.01 -4.06
N MET A 225 -10.42 7.66 -2.94
CA MET A 225 -10.84 6.47 -2.22
C MET A 225 -12.28 6.63 -1.72
N LYS A 226 -12.64 7.83 -1.32
CA LYS A 226 -14.01 8.15 -0.96
C LYS A 226 -14.95 7.78 -2.09
N GLN A 227 -14.61 8.22 -3.30
CA GLN A 227 -15.48 8.04 -4.45
C GLN A 227 -15.55 6.58 -4.87
N LEU A 228 -14.53 5.79 -4.53
CA LEU A 228 -14.52 4.37 -4.87
C LEU A 228 -15.23 3.52 -3.82
N GLY A 229 -15.71 4.17 -2.76
CA GLY A 229 -16.49 3.49 -1.73
C GLY A 229 -15.77 3.12 -0.44
N ALA A 230 -14.61 3.75 -0.17
CA ALA A 230 -13.84 3.42 1.02
C ALA A 230 -14.50 3.95 2.29
N GLU A 231 -14.24 3.27 3.41
CA GLU A 231 -14.77 3.66 4.72
C GLU A 231 -13.80 4.51 5.55
N HIS A 232 -12.58 4.04 5.71
CA HIS A 232 -11.59 4.71 6.55
C HIS A 232 -10.21 4.54 5.91
N VAL A 233 -9.55 5.63 5.57
CA VAL A 233 -8.20 5.52 5.04
C VAL A 233 -7.33 6.64 5.56
N MET A 234 -6.07 6.29 5.85
CA MET A 234 -4.99 7.24 6.08
C MET A 234 -4.10 7.23 4.84
N VAL A 235 -3.94 8.40 4.22
CA VAL A 235 -3.02 8.54 3.08
C VAL A 235 -1.82 9.35 3.61
N VAL A 236 -0.63 8.76 3.46
CA VAL A 236 0.55 9.27 4.14
C VAL A 236 1.74 9.54 3.22
N HIS A 237 2.54 10.54 3.59
CA HIS A 237 3.85 10.76 2.96
C HIS A 237 4.76 11.51 3.93
N SER A 238 5.93 10.94 4.21
CA SER A 238 6.83 11.51 5.20
C SER A 238 7.69 12.62 4.60
N LYS A 239 8.13 13.55 5.43
CA LYS A 239 8.95 14.67 4.98
C LYS A 239 10.24 14.18 4.34
N ASP A 240 10.80 13.09 4.85
CA ASP A 240 12.00 12.50 4.27
C ASP A 240 11.75 11.62 3.04
N GLY A 241 10.56 11.71 2.46
CA GLY A 241 10.30 11.13 1.16
C GLY A 241 9.83 9.68 1.09
N LEU A 242 9.31 9.16 2.20
CA LEU A 242 8.82 7.80 2.20
C LEU A 242 7.32 7.74 1.94
N ASP A 243 6.89 6.64 1.32
CA ASP A 243 5.48 6.35 1.14
C ASP A 243 5.02 5.53 2.33
N GLU A 244 5.42 5.99 3.51
CA GLU A 244 4.97 5.40 4.75
C GLU A 244 5.24 6.37 5.89
N ILE A 245 4.83 6.00 7.09
CA ILE A 245 5.08 6.84 8.25
C ILE A 245 6.54 6.64 8.66
N SER A 246 7.32 7.71 8.66
CA SER A 246 8.74 7.61 8.98
C SER A 246 9.02 7.68 10.48
N LEU A 247 10.04 6.93 10.92
CA LEU A 247 10.57 7.05 12.26
C LEU A 247 11.45 8.30 12.39
N ALA A 248 11.92 8.81 11.26
CA ALA A 248 12.96 9.84 11.26
C ALA A 248 12.42 11.25 11.15
N SER A 249 11.27 11.42 10.50
CA SER A 249 10.72 12.75 10.27
C SER A 249 9.23 12.79 10.52
N GLN A 250 8.65 13.96 10.31
CA GLN A 250 7.21 14.13 10.39
C GLN A 250 6.58 13.51 9.16
N THR A 251 5.31 13.13 9.29
CA THR A 251 4.57 12.54 8.18
C THR A 251 3.29 13.33 7.95
N TYR A 252 3.03 13.69 6.70
CA TYR A 252 1.78 14.35 6.32
C TYR A 252 0.70 13.30 6.14
N ILE A 253 -0.45 13.52 6.77
CA ILE A 253 -1.59 12.61 6.71
C ILE A 253 -2.81 13.26 6.08
N ALA A 254 -3.45 12.59 5.13
CA ALA A 254 -4.81 12.93 4.73
C ALA A 254 -5.74 11.76 5.10
N GLU A 255 -6.74 12.02 5.93
CA GLU A 255 -7.58 10.95 6.49
C GLU A 255 -9.04 11.04 6.05
N LEU A 256 -9.52 9.97 5.43
CA LEU A 256 -10.94 9.81 5.13
C LEU A 256 -11.59 9.04 6.28
N LYS A 257 -12.53 9.68 6.98
CA LYS A 257 -13.21 9.05 8.11
C LYS A 257 -14.63 9.60 8.22
N ASN A 258 -15.61 8.73 8.36
CA ASN A 258 -17.01 9.15 8.44
C ASN A 258 -17.44 10.07 7.29
N GLY A 259 -17.09 9.67 6.06
CA GLY A 259 -17.48 10.43 4.88
C GLY A 259 -16.72 11.72 4.62
N GLU A 260 -15.91 12.17 5.57
CA GLU A 260 -15.18 13.43 5.43
C GLU A 260 -13.66 13.25 5.35
N VAL A 261 -12.98 14.20 4.73
CA VAL A 261 -11.52 14.17 4.59
C VAL A 261 -10.88 15.30 5.39
N THR A 262 -9.92 14.96 6.24
CA THR A 262 -9.15 15.95 6.98
C THR A 262 -7.67 15.75 6.73
N GLU A 263 -6.88 16.77 7.02
CA GLU A 263 -5.45 16.69 6.87
C GLU A 263 -4.78 17.04 8.20
N TRP A 264 -3.75 16.27 8.56
CA TRP A 264 -3.00 16.55 9.78
C TRP A 264 -1.58 16.05 9.65
N VAL A 265 -0.75 16.37 10.63
CA VAL A 265 0.67 16.04 10.62
C VAL A 265 1.04 15.22 11.84
N LEU A 266 1.91 14.25 11.62
CA LEU A 266 2.29 13.29 12.65
C LEU A 266 3.78 13.32 12.95
N ASN A 267 4.11 13.30 14.24
CA ASN A 267 5.46 13.04 14.72
C ASN A 267 5.46 11.78 15.57
N PRO A 268 6.54 10.97 15.50
CA PRO A 268 6.60 9.75 16.30
C PRO A 268 6.36 10.03 17.78
N GLU A 269 6.84 11.19 18.24
CA GLU A 269 6.69 11.56 19.64
C GLU A 269 5.22 11.68 20.05
N ASP A 270 4.35 12.00 19.08
CA ASP A 270 2.92 12.16 19.37
C ASP A 270 2.31 10.87 19.94
N VAL A 271 2.95 9.73 19.67
CA VAL A 271 2.48 8.45 20.18
C VAL A 271 3.57 7.76 20.99
N ASN A 272 4.37 8.56 21.69
CA ASN A 272 5.34 8.05 22.64
C ASN A 272 6.37 7.15 22.01
N ILE A 273 6.83 7.53 20.81
CA ILE A 273 7.95 6.86 20.16
C ILE A 273 9.01 7.88 19.76
N PRO A 274 10.26 7.65 20.18
CA PRO A 274 11.31 8.61 19.81
C PRO A 274 11.63 8.59 18.32
N SER A 275 11.74 9.76 17.71
CA SER A 275 12.13 9.84 16.32
C SER A 275 13.64 9.60 16.16
N GLN A 276 13.98 8.56 15.41
CA GLN A 276 15.37 8.16 15.16
C GLN A 276 15.66 8.18 13.65
N THR A 277 16.93 8.34 13.28
CA THR A 277 17.32 8.29 11.88
C THR A 277 17.02 6.92 11.29
N LEU A 278 16.98 6.83 9.97
CA LEU A 278 16.68 5.56 9.31
C LEU A 278 17.91 4.65 9.21
N SER A 279 19.00 5.04 9.87
CA SER A 279 20.25 4.30 9.79
C SER A 279 20.10 2.87 10.30
N GLY A 280 20.56 1.92 9.50
CA GLY A 280 20.46 0.52 9.84
C GLY A 280 19.16 -0.12 9.36
N LEU A 281 18.25 0.71 8.86
CA LEU A 281 16.98 0.21 8.35
C LEU A 281 16.99 0.05 6.82
N ILE A 282 17.99 0.61 6.16
CA ILE A 282 18.18 0.37 4.73
C ILE A 282 18.90 -0.96 4.57
N VAL A 283 18.39 -1.80 3.67
CA VAL A 283 18.93 -3.14 3.46
C VAL A 283 19.37 -3.29 2.01
N GLU A 284 20.22 -4.30 1.76
CA GLU A 284 20.77 -4.53 0.42
C GLU A 284 19.92 -5.53 -0.36
N ASP A 285 19.41 -6.54 0.33
CA ASP A 285 18.68 -7.61 -0.33
C ASP A 285 17.57 -8.19 0.54
N SER A 286 16.89 -9.19 0.00
CA SER A 286 15.74 -9.82 0.64
C SER A 286 16.10 -10.53 1.95
N ASN A 287 17.25 -11.20 1.98
CA ASN A 287 17.66 -11.92 3.18
C ASN A 287 17.95 -10.97 4.34
N ALA A 288 18.56 -9.83 4.03
CA ALA A 288 18.87 -8.83 5.05
C ALA A 288 17.59 -8.22 5.61
N SER A 289 16.58 -8.10 4.75
CA SER A 289 15.30 -7.56 5.18
C SER A 289 14.60 -8.52 6.13
N LEU A 290 14.57 -9.80 5.77
CA LEU A 290 13.92 -10.81 6.60
C LEU A 290 14.64 -10.93 7.94
N LYS A 291 15.97 -10.84 7.91
CA LYS A 291 16.76 -10.94 9.14
C LYS A 291 16.39 -9.80 10.10
N LEU A 292 16.32 -8.59 9.56
CA LEU A 292 15.95 -7.41 10.35
C LEU A 292 14.51 -7.52 10.87
N ILE A 293 13.60 -8.01 10.04
CA ILE A 293 12.21 -8.11 10.44
C ILE A 293 12.02 -9.11 11.58
N LYS A 294 12.67 -10.26 11.48
CA LYS A 294 12.56 -11.31 12.49
C LYS A 294 13.18 -10.84 13.81
N ASP A 295 14.23 -10.03 13.71
CA ASP A 295 14.82 -9.36 14.86
C ASP A 295 13.77 -8.43 15.47
N ALA A 296 13.21 -7.57 14.63
CA ALA A 296 12.29 -6.53 15.07
C ALA A 296 11.02 -7.10 15.66
N LEU A 297 10.63 -8.31 15.26
CA LEU A 297 9.35 -8.88 15.70
C LEU A 297 9.56 -9.93 16.79
N GLY A 298 10.81 -10.23 17.07
CA GLY A 298 11.16 -11.27 18.04
C GLY A 298 11.27 -10.71 19.46
N ARG A 299 11.31 -11.60 20.43
CA ARG A 299 11.30 -11.21 21.83
C ARG A 299 12.62 -10.57 22.25
N LYS A 300 13.73 -11.12 21.77
CA LYS A 300 15.05 -10.55 22.05
C LYS A 300 15.52 -9.69 20.88
N LYS A 301 15.36 -8.38 21.02
CA LYS A 301 15.65 -7.42 19.94
C LYS A 301 17.02 -6.79 20.09
N SER A 302 17.69 -6.56 18.97
CA SER A 302 18.92 -5.77 18.97
C SER A 302 18.56 -4.30 19.03
N ASP A 303 19.57 -3.44 19.08
CA ASP A 303 19.33 -1.99 19.09
C ASP A 303 18.69 -1.55 17.77
N ILE A 304 19.16 -2.12 16.65
CA ILE A 304 18.59 -1.78 15.36
C ILE A 304 17.24 -2.46 15.21
N GLY A 305 17.12 -3.64 15.81
CA GLY A 305 15.86 -4.35 15.89
C GLY A 305 14.79 -3.55 16.62
N GLU A 306 15.18 -2.81 17.64
CA GLU A 306 14.23 -1.98 18.38
C GLU A 306 13.85 -0.77 17.56
N LYS A 307 14.78 -0.26 16.75
CA LYS A 307 14.49 0.86 15.86
C LYS A 307 13.47 0.42 14.81
N ALA A 308 13.70 -0.76 14.24
CA ALA A 308 12.83 -1.30 13.21
C ALA A 308 11.45 -1.55 13.81
N ALA A 309 11.43 -2.14 15.00
CA ALA A 309 10.19 -2.44 15.72
C ALA A 309 9.33 -1.19 15.88
N ASN A 310 9.97 -0.09 16.25
CA ASN A 310 9.30 1.19 16.41
C ASN A 310 8.73 1.74 15.10
N MET A 311 9.46 1.65 13.99
CA MET A 311 8.89 2.12 12.74
C MET A 311 7.68 1.25 12.33
N ILE A 312 7.78 -0.05 12.58
CA ILE A 312 6.68 -0.96 12.31
C ILE A 312 5.48 -0.62 13.20
N ALA A 313 5.76 -0.25 14.46
CA ALA A 313 4.68 0.11 15.37
C ALA A 313 3.89 1.30 14.84
N LEU A 314 4.57 2.27 14.25
CA LEU A 314 3.92 3.46 13.73
C LEU A 314 2.99 3.15 12.56
N ASN A 315 3.40 2.19 11.74
CA ASN A 315 2.69 1.84 10.51
C ASN A 315 1.62 0.76 10.75
N ALA A 316 1.99 -0.32 11.42
CA ALA A 316 1.01 -1.30 11.86
C ALA A 316 -0.07 -0.65 12.72
N GLY A 317 0.32 0.31 13.57
CA GLY A 317 -0.65 1.09 14.34
C GLY A 317 -1.71 1.78 13.49
N ALA A 318 -1.29 2.36 12.38
CA ALA A 318 -2.23 3.00 11.46
C ALA A 318 -3.23 1.96 10.91
N GLY A 319 -2.74 0.78 10.58
CA GLY A 319 -3.60 -0.28 10.08
C GLY A 319 -4.60 -0.77 11.13
N ILE A 320 -4.12 -0.96 12.35
CA ILE A 320 -5.04 -1.40 13.42
C ILE A 320 -6.13 -0.37 13.63
N TYR A 321 -5.76 0.91 13.61
CA TYR A 321 -6.69 2.02 13.72
C TYR A 321 -7.70 2.02 12.58
N VAL A 322 -7.25 2.04 11.32
CA VAL A 322 -8.23 2.22 10.24
C VAL A 322 -9.07 0.95 10.01
N SER A 323 -8.57 -0.19 10.47
CA SER A 323 -9.34 -1.43 10.39
C SER A 323 -10.58 -1.32 11.23
N GLY A 324 -10.56 -0.41 12.20
CA GLY A 324 -11.67 -0.28 13.16
C GLY A 324 -11.42 -0.95 14.50
N LEU A 325 -10.32 -1.71 14.60
CA LEU A 325 -10.04 -2.46 15.81
C LEU A 325 -9.61 -1.55 16.97
N ALA A 326 -8.88 -0.48 16.66
CA ALA A 326 -8.60 0.56 17.63
C ALA A 326 -9.35 1.82 17.25
N THR A 327 -9.71 2.61 18.25
CA THR A 327 -10.56 3.78 18.05
C THR A 327 -9.78 5.07 17.82
N SER A 328 -8.45 5.04 17.96
CA SER A 328 -7.61 6.18 17.60
C SER A 328 -6.27 5.67 17.07
N TYR A 329 -5.54 6.54 16.39
CA TYR A 329 -4.21 6.17 15.91
C TYR A 329 -3.30 5.82 17.08
N LYS A 330 -3.32 6.65 18.13
CA LYS A 330 -2.48 6.43 19.31
C LYS A 330 -2.75 5.06 19.92
N GLN A 331 -4.03 4.73 20.06
CA GLN A 331 -4.44 3.45 20.60
C GLN A 331 -3.95 2.32 19.70
N GLY A 332 -4.04 2.53 18.39
CA GLY A 332 -3.61 1.52 17.44
C GLY A 332 -2.11 1.26 17.57
N VAL A 333 -1.34 2.33 17.77
CA VAL A 333 0.10 2.21 17.88
C VAL A 333 0.45 1.45 19.16
N ALA A 334 -0.28 1.74 20.24
CA ALA A 334 -0.08 1.02 21.50
C ALA A 334 -0.26 -0.48 21.36
N LEU A 335 -1.39 -0.87 20.75
CA LEU A 335 -1.69 -2.27 20.51
C LEU A 335 -0.63 -2.92 19.62
N ALA A 336 -0.21 -2.18 18.60
CA ALA A 336 0.85 -2.65 17.69
C ALA A 336 2.12 -2.92 18.47
N HIS A 337 2.48 -1.94 19.29
CA HIS A 337 3.67 -2.04 20.11
C HIS A 337 3.63 -3.29 20.99
N ASP A 338 2.47 -3.55 21.60
CA ASP A 338 2.33 -4.75 22.44
C ASP A 338 2.62 -6.02 21.67
N ILE A 339 2.06 -6.12 20.47
CA ILE A 339 2.24 -7.30 19.62
C ILE A 339 3.72 -7.46 19.21
N ILE A 340 4.32 -6.36 18.80
CA ILE A 340 5.70 -6.37 18.31
C ILE A 340 6.70 -6.80 19.38
N TYR A 341 6.50 -6.33 20.61
CA TYR A 341 7.42 -6.65 21.69
C TYR A 341 7.09 -7.97 22.36
N GLY A 342 5.85 -8.44 22.19
CA GLY A 342 5.44 -9.71 22.73
C GLY A 342 5.80 -10.91 21.85
N GLY A 343 6.19 -10.68 20.61
CA GLY A 343 6.62 -11.74 19.72
C GLY A 343 5.54 -12.45 18.91
N GLN A 344 4.27 -12.07 19.10
CA GLN A 344 3.16 -12.77 18.45
C GLN A 344 3.13 -12.60 16.93
N ALA A 345 3.68 -11.50 16.43
CA ALA A 345 3.70 -11.26 14.99
C ALA A 345 4.66 -12.23 14.31
N LEU A 346 5.76 -12.55 15.01
CA LEU A 346 6.75 -13.48 14.49
C LEU A 346 6.15 -14.87 14.40
N GLU A 347 5.30 -15.23 15.36
CA GLU A 347 4.62 -16.52 15.32
C GLU A 347 3.57 -16.56 14.24
N LYS A 348 2.95 -15.41 13.95
CA LYS A 348 1.96 -15.35 12.89
C LYS A 348 2.66 -15.60 11.55
N MET A 349 3.90 -15.11 11.42
CA MET A 349 4.70 -15.40 10.23
C MET A 349 4.89 -16.90 10.05
N SER A 350 5.30 -17.56 11.11
CA SER A 350 5.62 -18.98 11.07
C SER A 350 4.37 -19.81 10.78
N ILE A 351 3.26 -19.43 11.39
CA ILE A 351 1.98 -20.11 11.19
C ILE A 351 1.49 -19.95 9.76
N LEU A 352 1.73 -18.80 9.15
CA LEU A 352 1.31 -18.63 7.75
C LEU A 352 2.19 -19.48 6.85
N SER A 353 3.47 -19.55 7.17
CA SER A 353 4.41 -20.36 6.41
C SER A 353 4.00 -21.83 6.43
N GLU A 354 3.70 -22.37 7.61
CA GLU A 354 3.29 -23.76 7.73
C GLU A 354 1.99 -24.00 6.96
N PHE A 355 1.08 -23.04 7.04
CA PHE A 355 -0.21 -23.14 6.35
C PHE A 355 -0.05 -23.19 4.83
N THR A 356 0.71 -22.26 4.26
CA THR A 356 0.87 -22.20 2.81
C THR A 356 1.57 -23.45 2.30
N LYS A 357 2.57 -23.93 3.04
CA LYS A 357 3.26 -25.15 2.67
C LYS A 357 2.30 -26.34 2.74
N ALA A 358 1.35 -26.29 3.67
CA ALA A 358 0.34 -27.34 3.77
C ALA A 358 -0.62 -27.28 2.59
N LEU A 359 -0.98 -26.06 2.18
CA LEU A 359 -1.88 -25.88 1.05
C LEU A 359 -1.27 -26.48 -0.22
N LYS A 360 0.04 -26.33 -0.35
CA LYS A 360 0.76 -26.80 -1.54
C LYS A 360 1.00 -28.31 -1.48
N GLU A 361 0.27 -28.98 -0.58
CA GLU A 361 0.35 -30.43 -0.40
C GLU A 361 -0.93 -30.89 0.29
C BE2 B . 2.16 -0.78 -8.80
O BE2 B . 2.97 0.16 -8.68
OXT BE2 B . 1.91 -1.25 -9.95
C1 BE2 B . 1.46 -1.36 -7.58
CA BE2 B . 1.61 -0.75 -6.35
C3 BE2 B . 0.96 -1.27 -5.24
N BE2 B . 2.43 0.40 -6.21
C4 BE2 B . 0.16 -2.41 -5.36
C5 BE2 B . 0.01 -3.01 -6.60
C6 BE2 B . 0.66 -2.49 -7.72
#